data_5FQ0
#
_entry.id   5FQ0
#
_cell.length_a   110.934
_cell.length_b   78.680
_cell.length_c   68.002
_cell.angle_alpha   90.00
_cell.angle_beta   113.91
_cell.angle_gamma   90.00
#
_symmetry.space_group_name_H-M   'C 1 2 1'
#
loop_
_entity.id
_entity.type
_entity.pdbx_description
1 polymer KDGF
2 polymer KDGF
3 polymer 'RESIDUAL CLEAVED HIS TAG'
4 non-polymer 'NICKEL (II) ION'
5 non-polymer 'CITRATE ANION'
6 water water
#
loop_
_entity_poly.entity_id
_entity_poly.type
_entity_poly.pdbx_seq_one_letter_code
_entity_poly.pdbx_strand_id
1 'polypeptide(L)'
;MNTGSFFINHEHDWQDVEPGIQRKIVAHTPDLMAVCVKFDRGAVGTPHQHERHDQIGYVVQGAFEVELEGEKRRLSPGDA
FVAPHHTMHGAVALEPDSLVIDLFSPRRDDMLKS
;
A
2 'polypeptide(L)'
;MNTGSFFINDEHDWQDVEPGIQRKIVAHTPDLMAVCVKFDRGAVGTPHQHERHDQIGYVVQGAFEVELEGEKRRLSPGDA
FVAPHHTMHGAVALEPDSLVIDLFSPRRDDMLKS
;
B,C,D
3 'polypeptide(L)' HHHHHH H
#
loop_
_chem_comp.id
_chem_comp.type
_chem_comp.name
_chem_comp.formula
FLC non-polymer 'CITRATE ANION' 'C6 H5 O7 -3'
NI non-polymer 'NICKEL (II) ION' 'Ni 2'
#
# COMPACT_ATOMS: atom_id res chain seq x y z
N THR A 3 -8.56 14.00 -4.79
CA THR A 3 -8.93 15.00 -5.86
C THR A 3 -7.79 15.68 -6.67
N GLY A 4 -6.65 15.95 -6.04
CA GLY A 4 -5.57 16.71 -6.72
C GLY A 4 -5.36 18.13 -6.17
N SER A 5 -4.10 18.50 -5.92
CA SER A 5 -3.76 19.84 -5.41
C SER A 5 -2.43 20.29 -6.00
N PHE A 6 -2.19 21.59 -5.86
CA PHE A 6 -0.89 22.18 -6.21
C PHE A 6 -0.23 22.63 -4.91
N PHE A 7 1.10 22.63 -4.88
CA PHE A 7 1.85 23.23 -3.77
C PHE A 7 2.69 24.37 -4.34
N ILE A 8 2.38 25.61 -3.96
CA ILE A 8 3.20 26.76 -4.37
C ILE A 8 4.11 27.13 -3.22
N ASN A 9 5.39 26.79 -3.36
CA ASN A 9 6.35 26.88 -2.24
C ASN A 9 6.35 28.26 -1.54
N HIS A 10 6.37 29.32 -2.34
CA HIS A 10 6.40 30.71 -1.84
C HIS A 10 5.25 31.09 -0.91
N GLU A 11 4.14 30.40 -1.08
CA GLU A 11 2.88 30.60 -0.36
C GLU A 11 2.83 29.97 1.02
N HIS A 12 3.87 29.23 1.42
CA HIS A 12 3.82 28.48 2.70
C HIS A 12 5.04 28.83 3.57
N ASP A 13 4.84 29.08 4.86
CA ASP A 13 5.93 29.30 5.82
C ASP A 13 6.67 28.01 6.15
N TRP A 14 7.89 28.17 6.61
CA TRP A 14 8.64 27.12 7.28
C TRP A 14 8.06 26.92 8.67
N GLN A 15 7.87 25.66 9.05
CA GLN A 15 7.56 25.31 10.42
C GLN A 15 8.82 24.83 11.13
N ASP A 16 8.97 25.24 12.39
CA ASP A 16 10.09 24.77 13.24
C ASP A 16 9.94 23.32 13.63
N VAL A 17 10.98 22.52 13.42
CA VAL A 17 10.97 21.13 13.85
C VAL A 17 11.79 21.06 15.13
N GLU A 18 13.00 21.63 15.05
CA GLU A 18 13.87 21.79 16.18
C GLU A 18 15.00 22.73 15.76
N PRO A 19 15.87 23.13 16.71
CA PRO A 19 16.92 24.11 16.39
C PRO A 19 17.78 23.70 15.18
N GLY A 20 17.90 24.60 14.21
CA GLY A 20 18.61 24.31 12.96
C GLY A 20 17.80 23.54 11.91
N ILE A 21 16.60 23.07 12.28
CA ILE A 21 15.75 22.29 11.34
C ILE A 21 14.33 22.87 11.15
N GLN A 22 13.98 23.16 9.90
CA GLN A 22 12.63 23.58 9.55
C GLN A 22 12.04 22.69 8.46
N ARG A 23 10.71 22.63 8.38
CA ARG A 23 10.09 21.92 7.28
C ARG A 23 8.81 22.57 6.76
N LYS A 24 8.38 22.09 5.59
CA LYS A 24 7.06 22.38 5.03
C LYS A 24 6.47 21.10 4.50
N ILE A 25 5.21 20.83 4.83
CA ILE A 25 4.52 19.68 4.23
C ILE A 25 4.19 20.05 2.80
N VAL A 26 4.64 19.27 1.83
CA VAL A 26 4.43 19.63 0.44
C VAL A 26 3.08 19.07 -0.09
N ALA A 27 2.89 17.75 -0.04
CA ALA A 27 1.63 17.18 -0.54
C ALA A 27 1.48 15.83 0.10
N HIS A 28 0.27 15.31 0.07
CA HIS A 28 0.07 13.92 0.51
C HIS A 28 -1.25 13.32 0.07
N THR A 29 -1.25 12.01 -0.02
CA THR A 29 -2.47 11.20 -0.11
C THR A 29 -2.34 10.25 1.06
N PRO A 30 -3.32 9.34 1.26
CA PRO A 30 -3.09 8.40 2.37
C PRO A 30 -1.84 7.50 2.20
N ASP A 31 -1.45 7.21 0.95
CA ASP A 31 -0.31 6.32 0.63
C ASP A 31 1.04 7.00 0.37
N LEU A 32 1.06 8.32 0.26
CA LEU A 32 2.22 9.01 -0.27
C LEU A 32 2.30 10.42 0.26
N MET A 33 3.47 10.78 0.80
CA MET A 33 3.68 12.13 1.35
C MET A 33 5.06 12.69 0.96
N ALA A 34 5.16 14.01 0.69
CA ALA A 34 6.44 14.72 0.48
C ALA A 34 6.51 15.85 1.46
N VAL A 35 7.71 16.04 2.03
CA VAL A 35 7.97 17.06 3.05
C VAL A 35 9.31 17.70 2.58
N CYS A 36 9.38 19.02 2.54
CA CYS A 36 10.66 19.72 2.26
C CYS A 36 11.31 20.09 3.61
N VAL A 37 12.55 19.66 3.83
CA VAL A 37 13.21 19.90 5.12
C VAL A 37 14.49 20.68 4.90
N LYS A 38 14.64 21.77 5.69
CA LYS A 38 15.75 22.71 5.60
C LYS A 38 16.66 22.59 6.84
N PHE A 39 17.96 22.41 6.61
CA PHE A 39 18.91 22.18 7.72
C PHE A 39 19.95 23.31 7.68
N ASP A 40 20.23 23.94 8.82
CA ASP A 40 21.48 24.70 8.96
C ASP A 40 22.66 23.75 8.88
N ARG A 41 23.82 24.30 8.56
CA ARG A 41 25.03 23.52 8.53
C ARG A 41 25.27 22.92 9.93
N GLY A 42 25.60 21.65 9.96
CA GLY A 42 25.79 20.98 11.24
C GLY A 42 24.50 20.55 11.95
N ALA A 43 23.31 20.87 11.41
CA ALA A 43 22.09 20.32 12.04
C ALA A 43 22.05 18.82 11.83
N VAL A 44 21.49 18.12 12.80
CA VAL A 44 21.55 16.66 12.84
C VAL A 44 20.17 16.00 12.84
N GLY A 45 19.88 15.15 11.86
CA GLY A 45 18.77 14.20 11.96
C GLY A 45 19.28 12.96 12.67
N THR A 46 18.88 12.80 13.93
CA THR A 46 19.31 11.66 14.80
C THR A 46 18.98 10.29 14.17
N PRO A 47 19.91 9.32 14.26
CA PRO A 47 19.60 8.06 13.60
C PRO A 47 18.36 7.39 14.21
N HIS A 48 17.51 6.83 13.35
CA HIS A 48 16.23 6.27 13.79
C HIS A 48 15.74 5.35 12.70
N GLN A 49 14.64 4.64 12.97
CA GLN A 49 14.06 3.68 12.08
C GLN A 49 12.56 3.99 12.08
N HIS A 50 11.87 3.65 10.98
CA HIS A 50 10.40 3.63 10.95
C HIS A 50 9.90 2.20 10.83
N GLU A 51 8.99 1.82 11.71
CA GLU A 51 8.48 0.45 11.64
C GLU A 51 7.51 0.25 10.52
N ARG A 52 6.80 1.29 10.12
CA ARG A 52 5.70 1.10 9.14
C ARG A 52 5.81 1.97 7.89
N HIS A 53 6.80 2.88 7.86
CA HIS A 53 6.96 3.76 6.67
C HIS A 53 8.24 3.54 5.89
N ASP A 54 8.13 3.48 4.57
CA ASP A 54 9.32 3.59 3.72
C ASP A 54 9.65 5.07 3.58
N GLN A 55 10.93 5.39 3.35
CA GLN A 55 11.36 6.78 3.21
C GLN A 55 12.46 6.86 2.17
N ILE A 56 12.37 7.88 1.34
CA ILE A 56 13.43 8.26 0.40
C ILE A 56 13.72 9.71 0.74
N GLY A 57 15.01 10.06 0.81
CA GLY A 57 15.43 11.44 0.98
C GLY A 57 16.12 11.86 -0.29
N TYR A 58 15.62 12.89 -0.95
CA TYR A 58 16.21 13.37 -2.22
C TYR A 58 16.87 14.75 -1.99
N VAL A 59 18.15 14.89 -2.29
CA VAL A 59 18.84 16.11 -1.91
C VAL A 59 18.65 17.13 -3.04
N VAL A 60 18.24 18.32 -2.65
CA VAL A 60 17.89 19.39 -3.57
C VAL A 60 18.89 20.52 -3.47
N GLN A 61 19.49 20.72 -2.30
CA GLN A 61 20.44 21.85 -2.12
C GLN A 61 21.38 21.54 -0.95
N GLY A 62 22.59 22.12 -0.98
CA GLY A 62 23.60 21.89 0.08
C GLY A 62 24.09 20.46 -0.04
N ALA A 63 24.41 19.83 1.09
CA ALA A 63 24.83 18.46 1.11
C ALA A 63 24.62 17.88 2.52
N PHE A 64 24.62 16.56 2.61
CA PHE A 64 24.34 15.84 3.85
C PHE A 64 25.30 14.68 3.88
N GLU A 65 25.78 14.33 5.09
CA GLU A 65 26.33 13.00 5.23
C GLU A 65 25.20 12.14 5.80
N VAL A 66 24.87 11.06 5.08
CA VAL A 66 23.71 10.24 5.44
C VAL A 66 24.22 8.87 5.82
N GLU A 67 23.69 8.38 6.94
CA GLU A 67 24.05 7.04 7.40
C GLU A 67 22.88 6.09 7.25
N LEU A 68 23.10 4.96 6.61
CA LEU A 68 22.07 3.94 6.43
C LEU A 68 22.63 2.65 7.03
N GLU A 69 22.13 2.27 8.21
CA GLU A 69 22.61 1.04 8.87
C GLU A 69 24.15 1.05 8.95
N GLY A 70 24.72 2.09 9.51
CA GLY A 70 26.18 2.19 9.66
C GLY A 70 26.99 2.65 8.45
N GLU A 71 26.47 2.43 7.23
CA GLU A 71 27.11 2.86 5.99
C GLU A 71 26.89 4.38 5.71
N LYS A 72 27.97 5.14 5.53
CA LYS A 72 27.84 6.58 5.30
C LYS A 72 28.09 6.97 3.86
N ARG A 73 27.34 7.94 3.38
CA ARG A 73 27.65 8.46 2.08
C ARG A 73 27.37 9.96 2.07
N ARG A 74 28.19 10.71 1.32
CA ARG A 74 28.00 12.16 1.22
C ARG A 74 27.04 12.38 0.06
N LEU A 75 25.94 13.09 0.30
CA LEU A 75 24.92 13.28 -0.76
C LEU A 75 24.82 14.77 -1.07
N SER A 76 24.89 15.10 -2.36
CA SER A 76 24.80 16.50 -2.75
C SER A 76 23.60 16.60 -3.70
N PRO A 77 23.36 17.78 -4.28
CA PRO A 77 22.04 17.90 -4.91
C PRO A 77 21.85 16.89 -6.05
N GLY A 78 20.74 16.17 -6.02
CA GLY A 78 20.45 15.23 -7.11
C GLY A 78 20.74 13.81 -6.67
N ASP A 79 21.37 13.66 -5.52
CA ASP A 79 21.61 12.33 -4.94
C ASP A 79 20.48 12.00 -3.99
N ALA A 80 20.36 10.73 -3.66
CA ALA A 80 19.26 10.29 -2.79
C ALA A 80 19.66 9.09 -1.92
N PHE A 81 18.86 8.84 -0.87
CA PHE A 81 18.91 7.55 -0.19
C PHE A 81 17.48 6.98 -0.09
N VAL A 82 17.38 5.65 0.03
CA VAL A 82 16.13 4.99 0.37
C VAL A 82 16.35 4.12 1.63
N ALA A 83 15.50 4.35 2.62
CA ALA A 83 15.44 3.55 3.82
C ALA A 83 14.10 2.84 3.85
N PRO A 84 14.04 1.55 3.40
CA PRO A 84 12.81 0.77 3.62
C PRO A 84 12.45 0.82 5.10
N HIS A 85 11.20 0.52 5.44
CA HIS A 85 10.89 0.46 6.85
C HIS A 85 11.81 -0.58 7.54
N HIS A 86 12.05 -0.38 8.83
CA HIS A 86 13.05 -1.12 9.60
C HIS A 86 14.51 -0.88 9.19
N THR A 87 14.81 0.28 8.61
CA THR A 87 16.22 0.61 8.24
C THR A 87 16.67 1.86 8.98
N MET A 88 17.72 1.73 9.81
CA MET A 88 18.25 2.86 10.57
C MET A 88 18.83 3.84 9.57
N HIS A 89 18.53 5.13 9.75
CA HIS A 89 19.06 6.17 8.89
C HIS A 89 19.17 7.40 9.71
N GLY A 90 20.10 8.26 9.31
CA GLY A 90 20.34 9.54 9.99
C GLY A 90 21.15 10.45 9.08
N ALA A 91 21.18 11.75 9.40
CA ALA A 91 21.88 12.71 8.54
C ALA A 91 22.57 13.80 9.34
N VAL A 92 23.62 14.40 8.75
CA VAL A 92 24.25 15.60 9.29
C VAL A 92 24.39 16.49 8.08
N ALA A 93 23.87 17.69 8.20
CA ALA A 93 23.94 18.67 7.11
C ALA A 93 25.34 19.29 7.07
N LEU A 94 25.90 19.39 5.88
CA LEU A 94 27.29 19.78 5.65
C LEU A 94 27.53 21.19 5.11
N GLU A 95 26.43 21.87 4.69
CA GLU A 95 26.46 23.20 4.13
C GLU A 95 25.25 23.97 4.67
N PRO A 96 25.34 25.32 4.67
CA PRO A 96 24.19 26.12 5.08
C PRO A 96 22.99 25.86 4.15
N ASP A 97 21.79 26.02 4.70
CA ASP A 97 20.52 25.82 3.96
C ASP A 97 20.53 24.59 3.09
N SER A 98 20.89 23.47 3.70
CA SER A 98 20.78 22.18 3.04
C SER A 98 19.30 21.83 3.03
N LEU A 99 18.83 21.37 1.87
CA LEU A 99 17.41 21.01 1.60
C LEU A 99 17.30 19.58 1.15
N VAL A 100 16.42 18.82 1.81
CA VAL A 100 16.15 17.45 1.37
C VAL A 100 14.63 17.29 1.29
N ILE A 101 14.17 16.56 0.27
CA ILE A 101 12.77 16.16 0.16
C ILE A 101 12.66 14.77 0.78
N ASP A 102 11.97 14.66 1.91
CA ASP A 102 11.64 13.35 2.50
C ASP A 102 10.28 12.93 1.94
N LEU A 103 10.27 11.73 1.37
CA LEU A 103 9.11 11.11 0.81
C LEU A 103 8.81 9.88 1.62
N PHE A 104 7.53 9.58 1.83
CA PHE A 104 7.11 8.50 2.71
C PHE A 104 5.94 7.74 2.07
N SER A 105 5.89 6.44 2.33
CA SER A 105 4.70 5.64 2.09
C SER A 105 4.57 4.68 3.27
N PRO A 106 3.40 4.64 3.92
CA PRO A 106 2.25 5.52 3.65
C PRO A 106 2.53 6.93 4.17
N ARG A 107 1.50 7.75 4.26
CA ARG A 107 1.62 9.10 4.76
C ARG A 107 2.05 9.10 6.24
N ARG A 108 2.82 10.11 6.66
CA ARG A 108 3.20 10.24 8.08
C ARG A 108 2.15 11.10 8.83
N ASP A 109 1.14 10.44 9.40
CA ASP A 109 0.04 11.17 10.03
C ASP A 109 0.48 11.98 11.23
N ASP A 110 1.53 11.50 11.92
CA ASP A 110 2.13 12.24 13.04
C ASP A 110 2.63 13.64 12.68
N MET A 111 2.99 13.88 11.42
CA MET A 111 3.36 15.24 10.98
C MET A 111 2.13 16.06 10.59
N LEU A 112 0.94 15.45 10.69
CA LEU A 112 -0.32 15.98 10.12
C LEU A 112 -0.26 16.19 8.60
N GLY B 4 18.67 -0.83 2.83
CA GLY B 4 18.90 0.58 2.31
C GLY B 4 19.82 0.73 1.12
N SER B 5 19.70 1.85 0.40
CA SER B 5 20.50 2.06 -0.81
C SER B 5 20.71 3.56 -1.08
N PHE B 6 21.80 3.90 -1.78
CA PHE B 6 22.11 5.30 -2.13
C PHE B 6 21.97 5.50 -3.61
N PHE B 7 21.63 6.71 -4.03
CA PHE B 7 21.63 6.99 -5.46
C PHE B 7 22.57 8.16 -5.61
N ILE B 8 23.61 7.97 -6.42
CA ILE B 8 24.56 9.02 -6.69
C ILE B 8 24.35 9.41 -8.15
N ASN B 9 23.83 10.60 -8.33
CA ASN B 9 23.43 11.03 -9.66
C ASN B 9 24.56 10.95 -10.67
N ASP B 10 25.78 11.35 -10.29
CA ASP B 10 26.93 11.30 -11.18
C ASP B 10 27.33 9.90 -11.60
N GLU B 11 26.76 8.85 -10.99
CA GLU B 11 27.11 7.49 -11.36
C GLU B 11 26.15 6.88 -12.35
N HIS B 12 25.08 7.60 -12.71
CA HIS B 12 24.02 7.06 -13.59
C HIS B 12 23.78 7.88 -14.86
N ASP B 13 23.58 7.20 -15.98
CA ASP B 13 23.28 7.82 -17.28
C ASP B 13 21.82 8.19 -17.39
N TRP B 14 21.50 9.22 -18.18
CA TRP B 14 20.10 9.45 -18.53
C TRP B 14 19.59 8.34 -19.45
N GLN B 15 18.33 7.96 -19.30
CA GLN B 15 17.68 6.93 -20.12
C GLN B 15 16.62 7.62 -20.95
N ASP B 16 16.55 7.32 -22.25
CA ASP B 16 15.52 7.90 -23.11
C ASP B 16 14.14 7.38 -22.76
N VAL B 17 13.17 8.28 -22.65
CA VAL B 17 11.81 7.88 -22.40
C VAL B 17 11.10 7.98 -23.74
N GLU B 18 11.02 9.21 -24.27
CA GLU B 18 10.52 9.48 -25.63
C GLU B 18 11.23 10.73 -26.16
N PRO B 19 10.97 11.15 -27.42
CA PRO B 19 11.65 12.38 -27.85
C PRO B 19 11.37 13.59 -26.95
N GLY B 20 12.46 14.27 -26.56
CA GLY B 20 12.41 15.41 -25.62
C GLY B 20 12.38 15.05 -24.15
N ILE B 21 12.34 13.74 -23.84
CA ILE B 21 12.21 13.29 -22.44
C ILE B 21 13.21 12.18 -22.07
N GLN B 22 13.99 12.41 -21.02
CA GLN B 22 14.90 11.41 -20.44
C GLN B 22 14.66 11.25 -18.94
N ARG B 23 15.13 10.15 -18.36
CA ARG B 23 14.96 9.97 -16.92
C ARG B 23 16.04 9.15 -16.29
N LYS B 24 16.10 9.21 -14.97
CA LYS B 24 16.88 8.27 -14.19
C LYS B 24 15.98 7.76 -13.05
N ILE B 25 15.92 6.43 -12.88
CA ILE B 25 15.23 5.84 -11.74
C ILE B 25 16.09 6.11 -10.52
N VAL B 26 15.61 6.90 -9.56
CA VAL B 26 16.40 7.32 -8.41
C VAL B 26 16.48 6.20 -7.35
N ALA B 27 15.33 5.77 -6.83
CA ALA B 27 15.32 4.76 -5.74
C ALA B 27 13.90 4.21 -5.66
N HIS B 28 13.76 3.00 -5.12
CA HIS B 28 12.42 2.48 -4.91
C HIS B 28 12.39 1.38 -3.86
N THR B 29 11.23 1.23 -3.23
CA THR B 29 10.88 0.02 -2.51
C THR B 29 9.64 -0.46 -3.26
N PRO B 30 9.05 -1.61 -2.85
CA PRO B 30 7.77 -1.95 -3.46
C PRO B 30 6.65 -0.93 -3.26
N ASP B 31 6.70 -0.14 -2.20
CA ASP B 31 5.62 0.82 -1.97
C ASP B 31 5.97 2.26 -2.31
N LEU B 32 7.20 2.54 -2.77
CA LEU B 32 7.62 3.92 -2.93
C LEU B 32 8.72 4.01 -3.97
N MET B 33 8.63 5.02 -4.84
CA MET B 33 9.60 5.17 -5.91
C MET B 33 9.79 6.65 -6.24
N ALA B 34 11.02 7.02 -6.58
CA ALA B 34 11.35 8.36 -7.05
C ALA B 34 12.05 8.23 -8.40
N VAL B 35 11.69 9.09 -9.34
CA VAL B 35 12.25 9.10 -10.69
C VAL B 35 12.61 10.54 -10.99
N CYS B 36 13.81 10.80 -11.49
CA CYS B 36 14.13 12.17 -11.91
C CYS B 36 13.86 12.23 -13.41
N VAL B 37 12.98 13.14 -13.84
CA VAL B 37 12.59 13.26 -15.27
C VAL B 37 13.02 14.62 -15.85
N LYS B 38 13.75 14.56 -16.96
CA LYS B 38 14.27 15.75 -17.64
C LYS B 38 13.54 16.00 -18.97
N PHE B 39 12.99 17.22 -19.09
CA PHE B 39 12.25 17.60 -20.28
C PHE B 39 13.05 18.66 -21.04
N ASP B 40 13.12 18.52 -22.35
CA ASP B 40 13.50 19.60 -23.22
C ASP B 40 12.37 20.63 -23.17
N ARG B 41 12.69 21.88 -23.49
CA ARG B 41 11.66 22.93 -23.52
C ARG B 41 10.54 22.57 -24.53
N GLY B 42 9.29 22.71 -24.10
CA GLY B 42 8.19 22.37 -25.00
C GLY B 42 7.88 20.88 -25.13
N ALA B 43 8.66 19.99 -24.46
CA ALA B 43 8.30 18.56 -24.40
C ALA B 43 7.01 18.38 -23.58
N VAL B 44 6.19 17.42 -23.99
CA VAL B 44 4.86 17.30 -23.44
C VAL B 44 4.69 15.93 -22.74
N GLY B 45 4.23 15.96 -21.48
CA GLY B 45 3.73 14.73 -20.83
C GLY B 45 2.24 14.80 -21.06
N THR B 46 1.71 13.99 -21.98
CA THR B 46 0.29 14.04 -22.34
C THR B 46 -0.62 13.60 -21.18
N PRO B 47 -1.80 14.23 -21.04
CA PRO B 47 -2.64 13.98 -19.87
C PRO B 47 -3.02 12.51 -19.78
N HIS B 48 -2.95 11.95 -18.58
CA HIS B 48 -3.22 10.54 -18.35
C HIS B 48 -3.58 10.42 -16.85
N GLN B 49 -4.03 9.23 -16.46
CA GLN B 49 -4.45 8.89 -15.10
C GLN B 49 -3.73 7.63 -14.78
N HIS B 50 -3.47 7.39 -13.50
CA HIS B 50 -3.06 6.06 -13.09
C HIS B 50 -4.17 5.38 -12.32
N GLU B 51 -4.54 4.18 -12.77
CA GLU B 51 -5.54 3.35 -12.08
C GLU B 51 -5.06 3.00 -10.66
N ARG B 52 -3.76 2.71 -10.52
CA ARG B 52 -3.25 2.10 -9.28
C ARG B 52 -2.21 2.90 -8.50
N HIS B 53 -1.72 4.02 -9.04
CA HIS B 53 -0.60 4.72 -8.38
C HIS B 53 -0.95 6.17 -8.00
N ASP B 54 -0.61 6.58 -6.78
CA ASP B 54 -0.63 8.00 -6.45
C ASP B 54 0.68 8.58 -6.99
N GLN B 55 0.66 9.86 -7.37
CA GLN B 55 1.82 10.53 -7.93
C GLN B 55 1.97 11.91 -7.30
N ILE B 56 3.21 12.25 -6.96
CA ILE B 56 3.58 13.63 -6.69
C ILE B 56 4.65 14.04 -7.68
N GLY B 57 4.53 15.22 -8.27
CA GLY B 57 5.61 15.81 -9.08
C GLY B 57 6.22 17.00 -8.36
N TYR B 58 7.47 16.89 -7.97
CA TYR B 58 8.15 17.97 -7.31
C TYR B 58 9.17 18.61 -8.28
N VAL B 59 9.02 19.93 -8.52
CA VAL B 59 9.82 20.63 -9.52
C VAL B 59 11.13 21.06 -8.90
N VAL B 60 12.21 20.63 -9.54
CA VAL B 60 13.53 21.04 -9.00
C VAL B 60 14.34 21.98 -9.91
N GLN B 61 14.03 22.03 -11.19
CA GLN B 61 14.76 22.92 -12.15
C GLN B 61 13.85 23.27 -13.32
N GLY B 62 14.02 24.48 -13.86
CA GLY B 62 13.22 24.95 -15.01
C GLY B 62 11.82 25.30 -14.52
N ALA B 63 10.81 24.93 -15.31
CA ALA B 63 9.42 25.30 -15.09
C ALA B 63 8.54 24.44 -15.99
N PHE B 64 7.33 24.17 -15.51
CA PHE B 64 6.31 23.38 -16.22
C PHE B 64 4.96 24.05 -16.11
N GLU B 65 4.15 23.94 -17.16
CA GLU B 65 2.72 24.15 -16.96
C GLU B 65 2.11 22.77 -16.69
N VAL B 66 1.52 22.62 -15.53
CA VAL B 66 0.97 21.33 -15.13
C VAL B 66 -0.55 21.45 -15.16
N GLU B 67 -1.16 20.41 -15.71
CA GLU B 67 -2.61 20.30 -15.77
C GLU B 67 -3.08 19.20 -14.83
N LEU B 68 -3.99 19.57 -13.92
CA LEU B 68 -4.55 18.66 -12.95
C LEU B 68 -6.07 18.72 -13.07
N GLU B 69 -6.66 17.65 -13.58
CA GLU B 69 -8.10 17.56 -13.89
C GLU B 69 -8.58 18.87 -14.51
N GLY B 70 -7.98 19.25 -15.64
CA GLY B 70 -8.35 20.51 -16.33
C GLY B 70 -7.83 21.83 -15.75
N GLU B 71 -7.49 21.89 -14.46
CA GLU B 71 -6.86 23.09 -13.87
C GLU B 71 -5.36 23.19 -14.23
N LYS B 72 -4.91 24.34 -14.72
CA LYS B 72 -3.51 24.56 -15.10
C LYS B 72 -2.81 25.51 -14.12
N ARG B 73 -1.56 25.19 -13.77
CA ARG B 73 -0.69 26.13 -13.06
C ARG B 73 0.74 26.09 -13.59
N ARG B 74 1.43 27.22 -13.52
CA ARG B 74 2.86 27.31 -13.88
C ARG B 74 3.64 27.01 -12.61
N LEU B 75 4.46 25.97 -12.63
CA LEU B 75 5.20 25.52 -11.43
C LEU B 75 6.69 25.70 -11.66
N SER B 76 7.36 26.31 -10.69
CA SER B 76 8.82 26.52 -10.79
C SER B 76 9.51 25.72 -9.65
N PRO B 77 10.88 25.74 -9.56
CA PRO B 77 11.63 24.96 -8.56
C PRO B 77 11.08 25.11 -7.18
N GLY B 78 10.77 24.01 -6.51
CA GLY B 78 10.22 24.13 -5.17
C GLY B 78 8.71 23.92 -5.13
N ASP B 79 8.02 24.13 -6.26
CA ASP B 79 6.59 23.88 -6.33
C ASP B 79 6.28 22.44 -6.63
N ALA B 80 5.03 22.01 -6.37
CA ALA B 80 4.67 20.61 -6.64
C ALA B 80 3.20 20.41 -7.02
N PHE B 81 2.86 19.27 -7.61
CA PHE B 81 1.45 18.83 -7.67
C PHE B 81 1.31 17.45 -7.04
N VAL B 82 0.10 17.12 -6.56
CA VAL B 82 -0.25 15.77 -6.14
C VAL B 82 -1.42 15.31 -6.99
N ALA B 83 -1.28 14.14 -7.65
CA ALA B 83 -2.35 13.46 -8.35
C ALA B 83 -2.69 12.07 -7.77
N PRO B 84 -3.72 12.00 -6.90
CA PRO B 84 -4.10 10.67 -6.36
C PRO B 84 -4.45 9.75 -7.55
N HIS B 85 -4.44 8.43 -7.37
CA HIS B 85 -4.81 7.56 -8.47
C HIS B 85 -6.20 7.94 -9.02
N HIS B 86 -6.42 7.68 -10.31
CA HIS B 86 -7.63 8.18 -11.02
C HIS B 86 -7.74 9.71 -11.20
N THR B 87 -6.63 10.44 -11.11
CA THR B 87 -6.65 11.91 -11.33
C THR B 87 -5.83 12.18 -12.61
N MET B 88 -6.48 12.86 -13.56
CA MET B 88 -5.85 13.25 -14.81
C MET B 88 -4.82 14.32 -14.58
N HIS B 89 -3.65 14.14 -15.17
CA HIS B 89 -2.59 15.10 -15.01
C HIS B 89 -1.71 15.01 -16.25
N GLY B 90 -1.05 16.12 -16.57
CA GLY B 90 -0.15 16.23 -17.72
C GLY B 90 0.72 17.45 -17.52
N ALA B 91 1.69 17.66 -18.39
CA ALA B 91 2.64 18.78 -18.24
C ALA B 91 3.23 19.22 -19.56
N VAL B 92 3.55 20.50 -19.65
CA VAL B 92 4.36 21.00 -20.75
C VAL B 92 5.56 21.67 -20.10
N ALA B 93 6.76 21.21 -20.44
CA ALA B 93 7.98 21.87 -19.94
C ALA B 93 8.12 23.26 -20.58
N LEU B 94 8.49 24.27 -19.78
CA LEU B 94 8.63 25.65 -20.28
C LEU B 94 10.11 26.08 -20.57
N GLU B 95 11.09 25.29 -20.12
CA GLU B 95 12.55 25.68 -20.22
C GLU B 95 13.37 24.46 -20.57
N PRO B 96 14.54 24.64 -21.21
CA PRO B 96 15.39 23.50 -21.50
C PRO B 96 15.83 22.86 -20.17
N ASP B 97 16.13 21.57 -20.21
CA ASP B 97 16.53 20.86 -18.99
C ASP B 97 15.62 21.15 -17.79
N SER B 98 14.29 21.17 -17.99
CA SER B 98 13.41 21.32 -16.84
C SER B 98 13.37 19.94 -16.12
N LEU B 99 13.53 19.94 -14.79
CA LEU B 99 13.60 18.68 -14.02
C LEU B 99 12.44 18.55 -13.06
N VAL B 100 11.80 17.39 -13.05
CA VAL B 100 10.75 17.12 -12.07
C VAL B 100 11.05 15.76 -11.43
N ILE B 101 10.89 15.67 -10.13
CA ILE B 101 10.99 14.38 -9.45
C ILE B 101 9.58 13.83 -9.39
N ASP B 102 9.30 12.77 -10.16
CA ASP B 102 8.02 12.09 -10.01
C ASP B 102 8.14 11.06 -8.90
N LEU B 103 7.21 11.14 -7.94
CA LEU B 103 7.15 10.23 -6.78
C LEU B 103 5.88 9.39 -6.85
N PHE B 104 5.99 8.10 -6.56
CA PHE B 104 4.87 7.16 -6.75
C PHE B 104 4.69 6.24 -5.54
N SER B 105 3.44 5.86 -5.29
CA SER B 105 3.13 4.75 -4.39
C SER B 105 1.95 4.01 -5.05
N PRO B 106 2.07 2.69 -5.24
CA PRO B 106 3.29 1.94 -4.96
C PRO B 106 4.32 2.23 -6.05
N ARG B 107 5.36 1.41 -6.14
CA ARG B 107 6.37 1.72 -7.13
C ARG B 107 5.80 1.35 -8.51
N ARG B 108 6.34 1.97 -9.57
CA ARG B 108 5.90 1.73 -10.94
C ARG B 108 6.73 0.58 -11.51
N ASP B 109 6.25 -0.66 -11.40
CA ASP B 109 7.00 -1.83 -11.90
C ASP B 109 7.22 -1.78 -13.41
N ASP B 110 6.31 -1.12 -14.13
CA ASP B 110 6.46 -0.97 -15.59
C ASP B 110 7.68 -0.15 -16.01
N MET B 111 8.26 0.62 -15.09
CA MET B 111 9.55 1.30 -15.34
C MET B 111 10.72 0.40 -14.94
N LEU B 112 10.44 -0.65 -14.15
CA LEU B 112 11.42 -1.51 -13.45
C LEU B 112 12.07 -0.84 -12.22
N SER C 5 -3.80 -9.48 17.89
CA SER C 5 -2.90 -10.66 17.57
C SER C 5 -3.62 -12.02 17.33
N PHE C 6 -4.45 -12.46 18.27
CA PHE C 6 -5.40 -13.56 18.06
C PHE C 6 -6.82 -13.03 18.11
N PHE C 7 -7.69 -13.51 17.22
CA PHE C 7 -9.12 -13.19 17.32
C PHE C 7 -9.83 -14.50 17.62
N ILE C 8 -10.52 -14.53 18.76
CA ILE C 8 -11.28 -15.74 19.15
C ILE C 8 -12.75 -15.40 19.03
N ASN C 9 -13.40 -16.00 18.04
CA ASN C 9 -14.76 -15.62 17.67
C ASN C 9 -15.73 -15.58 18.86
N ASP C 10 -15.73 -16.64 19.66
CA ASP C 10 -16.58 -16.79 20.86
C ASP C 10 -16.45 -15.66 21.86
N GLU C 11 -15.31 -14.99 21.87
CA GLU C 11 -15.05 -13.94 22.85
C GLU C 11 -15.60 -12.59 22.39
N HIS C 12 -16.25 -12.52 21.22
CA HIS C 12 -16.74 -11.23 20.69
C HIS C 12 -18.20 -11.31 20.31
N ASP C 13 -18.94 -10.25 20.63
CA ASP C 13 -20.35 -10.12 20.27
C ASP C 13 -20.48 -9.50 18.89
N TRP C 14 -21.60 -9.81 18.21
CA TRP C 14 -21.92 -9.19 16.95
C TRP C 14 -22.23 -7.72 17.20
N GLN C 15 -21.70 -6.85 16.34
CA GLN C 15 -22.11 -5.45 16.30
C GLN C 15 -23.21 -5.31 15.27
N ASP C 16 -24.28 -4.58 15.63
CA ASP C 16 -25.36 -4.30 14.68
C ASP C 16 -24.88 -3.33 13.63
N VAL C 17 -25.13 -3.61 12.35
CA VAL C 17 -24.73 -2.68 11.29
C VAL C 17 -25.99 -1.97 10.79
N GLU C 18 -26.98 -2.76 10.41
CA GLU C 18 -28.30 -2.28 10.04
C GLU C 18 -29.20 -3.51 10.11
N PRO C 19 -30.53 -3.34 10.09
CA PRO C 19 -31.38 -4.53 10.20
C PRO C 19 -30.99 -5.60 9.18
N GLY C 20 -30.90 -6.84 9.67
CA GLY C 20 -30.50 -7.98 8.86
C GLY C 20 -29.00 -8.22 8.77
N ILE C 21 -28.20 -7.24 9.23
CA ILE C 21 -26.75 -7.25 9.01
C ILE C 21 -26.01 -6.97 10.33
N GLN C 22 -25.16 -7.92 10.72
CA GLN C 22 -24.28 -7.70 11.87
C GLN C 22 -22.83 -7.97 11.49
N ARG C 23 -21.89 -7.51 12.32
CA ARG C 23 -20.47 -7.77 12.03
C ARG C 23 -19.58 -7.86 13.24
N LYS C 24 -18.45 -8.55 13.05
CA LYS C 24 -17.37 -8.54 14.04
C LYS C 24 -16.11 -8.11 13.30
N ILE C 25 -15.34 -7.19 13.89
CA ILE C 25 -14.05 -6.86 13.33
C ILE C 25 -13.08 -7.98 13.73
N VAL C 26 -12.46 -8.60 12.75
CA VAL C 26 -11.61 -9.73 13.04
C VAL C 26 -10.20 -9.29 13.45
N ALA C 27 -9.54 -8.50 12.62
CA ALA C 27 -8.17 -8.07 12.85
C ALA C 27 -7.83 -7.00 11.82
N HIS C 28 -6.80 -6.22 12.13
CA HIS C 28 -6.25 -5.25 11.18
C HIS C 28 -4.84 -4.83 11.53
N THR C 29 -4.12 -4.38 10.50
CA THR C 29 -2.91 -3.64 10.63
C THR C 29 -3.27 -2.34 9.89
N PRO C 30 -2.37 -1.35 9.84
CA PRO C 30 -2.70 -0.19 8.98
C PRO C 30 -3.03 -0.54 7.49
N ASP C 31 -2.44 -1.61 6.96
CA ASP C 31 -2.57 -1.98 5.55
C ASP C 31 -3.61 -3.05 5.21
N LEU C 32 -4.14 -3.74 6.23
CA LEU C 32 -4.91 -4.93 5.99
C LEU C 32 -5.96 -5.10 7.08
N MET C 33 -7.19 -5.42 6.68
CA MET C 33 -8.28 -5.64 7.65
C MET C 33 -9.22 -6.74 7.23
N ALA C 34 -9.69 -7.56 8.19
CA ALA C 34 -10.70 -8.55 7.90
C ALA C 34 -11.88 -8.34 8.85
N VAL C 35 -13.08 -8.48 8.31
CA VAL C 35 -14.34 -8.31 9.05
C VAL C 35 -15.23 -9.51 8.71
N CYS C 36 -15.86 -10.13 9.72
CA CYS C 36 -16.87 -11.16 9.50
C CYS C 36 -18.25 -10.50 9.47
N VAL C 37 -18.98 -10.70 8.38
CA VAL C 37 -20.29 -10.05 8.24
C VAL C 37 -21.40 -11.12 8.10
N LYS C 38 -22.42 -11.00 8.96
CA LYS C 38 -23.56 -11.95 9.03
C LYS C 38 -24.82 -11.32 8.44
N PHE C 39 -25.44 -12.02 7.49
CA PHE C 39 -26.60 -11.53 6.76
C PHE C 39 -27.75 -12.49 7.02
N ASP C 40 -28.92 -11.96 7.37
CA ASP C 40 -30.16 -12.74 7.30
C ASP C 40 -30.55 -12.93 5.84
N ARG C 41 -31.39 -13.93 5.58
CA ARG C 41 -31.86 -14.15 4.19
C ARG C 41 -32.49 -12.89 3.66
N GLY C 42 -32.09 -12.47 2.45
CA GLY C 42 -32.71 -11.30 1.86
C GLY C 42 -32.12 -9.96 2.27
N ALA C 43 -31.20 -9.96 3.25
CA ALA C 43 -30.46 -8.74 3.62
C ALA C 43 -29.57 -8.30 2.41
N VAL C 44 -29.46 -6.99 2.26
CA VAL C 44 -28.91 -6.39 1.06
C VAL C 44 -27.70 -5.51 1.35
N GLY C 45 -26.62 -5.76 0.61
CA GLY C 45 -25.47 -4.83 0.55
C GLY C 45 -25.68 -3.96 -0.66
N THR C 46 -26.17 -2.72 -0.48
CA THR C 46 -26.52 -1.83 -1.59
C THR C 46 -25.31 -1.60 -2.50
N PRO C 47 -25.49 -1.65 -3.83
CA PRO C 47 -24.28 -1.47 -4.66
C PRO C 47 -23.55 -0.17 -4.29
N HIS C 48 -22.22 -0.24 -4.23
CA HIS C 48 -21.40 0.92 -3.88
C HIS C 48 -19.95 0.68 -4.35
N GLN C 49 -19.11 1.70 -4.13
CA GLN C 49 -17.72 1.71 -4.61
C GLN C 49 -16.82 2.29 -3.53
N HIS C 50 -15.57 1.83 -3.42
CA HIS C 50 -14.60 2.51 -2.54
C HIS C 50 -13.55 3.24 -3.37
N GLU C 51 -13.38 4.52 -3.08
CA GLU C 51 -12.38 5.33 -3.80
C GLU C 51 -10.93 4.91 -3.46
N ARG C 52 -10.68 4.49 -2.21
CA ARG C 52 -9.32 4.21 -1.75
C ARG C 52 -9.06 2.77 -1.24
N HIS C 53 -10.08 1.92 -1.14
CA HIS C 53 -9.90 0.59 -0.54
C HIS C 53 -10.16 -0.50 -1.57
N ASP C 54 -9.27 -1.50 -1.64
CA ASP C 54 -9.53 -2.75 -2.39
C ASP C 54 -10.35 -3.62 -1.44
N GLN C 55 -11.20 -4.51 -1.99
CA GLN C 55 -12.05 -5.39 -1.17
C GLN C 55 -12.12 -6.77 -1.77
N ILE C 56 -12.00 -7.81 -0.93
CA ILE C 56 -12.30 -9.15 -1.37
C ILE C 56 -13.38 -9.66 -0.42
N GLY C 57 -14.42 -10.30 -0.95
CA GLY C 57 -15.47 -10.96 -0.13
C GLY C 57 -15.26 -12.46 -0.30
N TYR C 58 -15.09 -13.19 0.83
CA TYR C 58 -14.93 -14.66 0.77
C TYR C 58 -16.13 -15.27 1.55
N VAL C 59 -16.98 -16.03 0.86
CA VAL C 59 -18.18 -16.58 1.49
C VAL C 59 -17.83 -17.80 2.34
N VAL C 60 -18.34 -17.79 3.56
CA VAL C 60 -18.00 -18.83 4.52
C VAL C 60 -19.23 -19.68 4.81
N GLN C 61 -20.43 -19.11 4.69
CA GLN C 61 -21.68 -19.79 5.08
C GLN C 61 -22.84 -19.20 4.30
N GLY C 62 -23.87 -20.01 4.02
CA GLY C 62 -25.01 -19.52 3.28
C GLY C 62 -24.61 -19.22 1.85
N ALA C 63 -25.12 -18.13 1.30
CA ALA C 63 -24.89 -17.83 -0.14
C ALA C 63 -25.33 -16.43 -0.47
N PHE C 64 -24.73 -15.88 -1.50
CA PHE C 64 -24.97 -14.49 -1.88
C PHE C 64 -25.09 -14.44 -3.39
N GLU C 65 -25.96 -13.55 -3.88
CA GLU C 65 -25.77 -13.07 -5.24
C GLU C 65 -24.97 -11.79 -5.16
N VAL C 66 -23.83 -11.80 -5.83
CA VAL C 66 -22.89 -10.67 -5.79
C VAL C 66 -22.80 -10.04 -7.15
N GLU C 67 -22.94 -8.73 -7.17
CA GLU C 67 -22.79 -7.98 -8.41
C GLU C 67 -21.47 -7.21 -8.45
N LEU C 68 -20.80 -7.27 -9.61
CA LEU C 68 -19.60 -6.47 -9.90
C LEU C 68 -19.86 -5.74 -11.20
N GLU C 69 -20.03 -4.42 -11.13
CA GLU C 69 -20.27 -3.63 -12.32
C GLU C 69 -21.28 -4.33 -13.25
N GLY C 70 -22.41 -4.75 -12.70
CA GLY C 70 -23.48 -5.34 -13.52
C GLY C 70 -23.39 -6.83 -13.75
N GLU C 71 -22.22 -7.45 -13.59
CA GLU C 71 -22.16 -8.90 -13.64
C GLU C 71 -22.57 -9.50 -12.30
N LYS C 72 -23.48 -10.46 -12.34
CA LYS C 72 -23.99 -11.12 -11.15
C LYS C 72 -23.56 -12.58 -11.17
N ARG C 73 -23.21 -13.11 -9.99
CA ARG C 73 -22.87 -14.52 -9.86
C ARG C 73 -23.34 -14.96 -8.51
N ARG C 74 -23.76 -16.20 -8.44
CA ARG C 74 -24.15 -16.84 -7.20
CA ARG C 74 -24.14 -16.83 -7.20
C ARG C 74 -22.88 -17.33 -6.50
N LEU C 75 -22.62 -16.83 -5.29
CA LEU C 75 -21.40 -17.28 -4.54
C LEU C 75 -21.77 -18.11 -3.33
N SER C 76 -21.24 -19.34 -3.31
CA SER C 76 -21.48 -20.29 -2.21
C SER C 76 -20.25 -20.41 -1.30
N PRO C 77 -20.35 -21.17 -0.19
CA PRO C 77 -19.20 -21.17 0.75
C PRO C 77 -17.94 -21.57 0.00
N GLY C 78 -16.86 -20.79 0.14
CA GLY C 78 -15.64 -21.12 -0.60
C GLY C 78 -15.46 -20.32 -1.88
N ASP C 79 -16.51 -19.67 -2.34
CA ASP C 79 -16.38 -18.80 -3.50
C ASP C 79 -16.05 -17.39 -3.00
N ALA C 80 -15.60 -16.51 -3.90
CA ALA C 80 -15.20 -15.17 -3.53
C ALA C 80 -15.40 -14.21 -4.67
N PHE C 81 -15.34 -12.94 -4.37
CA PHE C 81 -15.18 -11.92 -5.39
C PHE C 81 -14.08 -10.95 -4.97
N VAL C 82 -13.52 -10.26 -5.96
CA VAL C 82 -12.59 -9.17 -5.73
C VAL C 82 -13.11 -7.90 -6.38
N ALA C 83 -13.19 -6.83 -5.59
CA ALA C 83 -13.56 -5.51 -6.06
C ALA C 83 -12.42 -4.53 -5.75
N PRO C 84 -11.52 -4.30 -6.74
CA PRO C 84 -10.49 -3.28 -6.56
C PRO C 84 -11.14 -1.94 -6.38
N HIS C 85 -10.41 -0.97 -5.81
CA HIS C 85 -11.04 0.34 -5.58
C HIS C 85 -11.59 0.88 -6.93
N HIS C 86 -12.61 1.72 -6.86
CA HIS C 86 -13.31 2.20 -8.05
C HIS C 86 -14.05 1.10 -8.82
N THR C 87 -14.52 0.06 -8.12
CA THR C 87 -15.36 -0.98 -8.71
C THR C 87 -16.67 -1.13 -7.93
N MET C 88 -17.79 -1.01 -8.66
CA MET C 88 -19.12 -1.18 -8.08
C MET C 88 -19.39 -2.62 -7.71
N HIS C 89 -19.84 -2.82 -6.48
CA HIS C 89 -20.14 -4.13 -5.99
C HIS C 89 -21.31 -4.04 -5.02
N GLY C 90 -22.13 -5.07 -5.01
CA GLY C 90 -23.25 -5.14 -4.07
C GLY C 90 -23.57 -6.59 -3.85
N ALA C 91 -24.45 -6.88 -2.90
CA ALA C 91 -24.78 -8.31 -2.62
C ALA C 91 -26.18 -8.46 -2.05
N VAL C 92 -26.79 -9.60 -2.32
CA VAL C 92 -28.02 -9.97 -1.64
C VAL C 92 -27.79 -11.32 -1.00
N ALA C 93 -28.07 -11.45 0.29
CA ALA C 93 -27.93 -12.76 0.95
C ALA C 93 -29.08 -13.70 0.53
N LEU C 94 -28.75 -14.93 0.17
CA LEU C 94 -29.71 -15.87 -0.40
C LEU C 94 -30.24 -16.90 0.63
N GLU C 95 -29.54 -17.04 1.77
CA GLU C 95 -29.89 -18.02 2.82
C GLU C 95 -29.76 -17.44 4.22
N PRO C 96 -30.47 -18.02 5.21
CA PRO C 96 -30.34 -17.53 6.60
C PRO C 96 -28.90 -17.60 7.08
N ASP C 97 -28.52 -16.71 7.98
CA ASP C 97 -27.15 -16.70 8.53
C ASP C 97 -26.07 -16.87 7.45
N SER C 98 -26.13 -16.05 6.41
CA SER C 98 -25.11 -16.10 5.38
C SER C 98 -23.89 -15.34 5.93
N LEU C 99 -22.70 -15.90 5.75
CA LEU C 99 -21.51 -15.27 6.35
C LEU C 99 -20.48 -14.97 5.30
N VAL C 100 -20.01 -13.73 5.26
CA VAL C 100 -18.94 -13.41 4.33
C VAL C 100 -17.78 -12.75 5.12
N ILE C 101 -16.54 -13.05 4.71
CA ILE C 101 -15.38 -12.31 5.26
C ILE C 101 -14.99 -11.22 4.27
N ASP C 102 -15.16 -9.97 4.69
CA ASP C 102 -14.78 -8.82 3.86
C ASP C 102 -13.39 -8.46 4.29
N LEU C 103 -12.47 -8.49 3.33
CA LEU C 103 -11.12 -8.03 3.59
C LEU C 103 -10.80 -6.77 2.80
N PHE C 104 -9.93 -5.95 3.38
CA PHE C 104 -9.63 -4.63 2.83
C PHE C 104 -8.14 -4.27 2.90
N SER C 105 -7.73 -3.44 1.95
CA SER C 105 -6.45 -2.80 1.99
C SER C 105 -6.66 -1.40 1.38
N PRO C 106 -6.26 -0.35 2.09
CA PRO C 106 -5.72 -0.53 3.45
C PRO C 106 -6.84 -0.75 4.47
N ARG C 107 -6.51 -0.53 5.74
CA ARG C 107 -7.50 -0.63 6.82
C ARG C 107 -8.69 0.28 6.54
N ARG C 108 -9.91 -0.13 6.91
CA ARG C 108 -11.12 0.72 6.89
C ARG C 108 -11.27 1.43 8.24
N ASP C 109 -10.65 2.58 8.38
CA ASP C 109 -10.75 3.35 9.64
C ASP C 109 -12.17 3.75 10.05
N ASP C 110 -13.05 3.92 9.07
CA ASP C 110 -14.43 4.33 9.35
C ASP C 110 -15.18 3.27 10.12
N MET C 111 -14.72 2.02 10.05
CA MET C 111 -15.38 0.95 10.80
C MET C 111 -14.82 0.84 12.22
N LEU C 112 -13.73 1.55 12.51
CA LEU C 112 -13.06 1.40 13.81
C LEU C 112 -13.47 2.48 14.83
N LYS C 113 -13.47 2.10 16.12
CA LYS C 113 -13.82 3.01 17.24
C LYS C 113 -12.57 3.41 18.01
N SER D 5 -12.17 -11.27 -11.12
CA SER D 5 -13.55 -10.87 -10.72
C SER D 5 -14.23 -11.81 -9.69
N PHE D 6 -14.74 -12.95 -10.17
CA PHE D 6 -15.37 -13.96 -9.32
C PHE D 6 -14.48 -15.19 -9.20
N PHE D 7 -14.41 -15.75 -7.99
CA PHE D 7 -13.67 -16.96 -7.79
C PHE D 7 -14.69 -18.07 -7.53
N ILE D 8 -14.80 -19.03 -8.44
CA ILE D 8 -15.71 -20.13 -8.22
C ILE D 8 -14.84 -21.29 -7.77
N ASN D 9 -14.94 -21.65 -6.50
CA ASN D 9 -13.99 -22.58 -5.90
C ASN D 9 -13.80 -23.88 -6.69
N ASP D 10 -14.91 -24.53 -7.03
CA ASP D 10 -14.86 -25.80 -7.75
C ASP D 10 -14.14 -25.74 -9.12
N GLU D 11 -14.18 -24.58 -9.78
CA GLU D 11 -13.57 -24.41 -11.10
C GLU D 11 -12.07 -24.25 -11.08
N HIS D 12 -11.44 -24.33 -9.91
CA HIS D 12 -10.01 -24.15 -9.76
C HIS D 12 -9.40 -25.30 -8.98
N ASP D 13 -8.24 -25.76 -9.43
CA ASP D 13 -7.64 -26.95 -8.84
C ASP D 13 -6.71 -26.55 -7.69
N TRP D 14 -6.52 -27.45 -6.74
CA TRP D 14 -5.48 -27.30 -5.72
C TRP D 14 -4.09 -27.34 -6.34
N GLN D 15 -3.18 -26.52 -5.82
CA GLN D 15 -1.77 -26.58 -6.21
C GLN D 15 -0.98 -27.10 -5.01
N ASP D 16 -0.01 -27.97 -5.27
CA ASP D 16 0.89 -28.45 -4.23
C ASP D 16 1.80 -27.34 -3.76
N VAL D 17 1.94 -27.23 -2.45
CA VAL D 17 2.88 -26.28 -1.89
C VAL D 17 4.09 -27.11 -1.45
N GLU D 18 3.79 -28.24 -0.79
CA GLU D 18 4.76 -29.19 -0.26
C GLU D 18 3.94 -30.34 0.30
N PRO D 19 4.60 -31.37 0.86
CA PRO D 19 3.75 -32.50 1.26
C PRO D 19 2.78 -32.14 2.40
N GLY D 20 1.53 -32.59 2.29
CA GLY D 20 0.49 -32.28 3.26
C GLY D 20 -0.23 -30.92 3.10
N ILE D 21 0.24 -30.10 2.15
CA ILE D 21 -0.26 -28.71 2.01
C ILE D 21 -0.52 -28.35 0.54
N GLN D 22 -1.76 -27.94 0.27
CA GLN D 22 -2.18 -27.49 -1.06
C GLN D 22 -2.82 -26.12 -0.97
N ARG D 23 -2.80 -25.39 -2.08
CA ARG D 23 -3.38 -24.03 -2.10
C ARG D 23 -4.22 -23.78 -3.35
N LYS D 24 -5.13 -22.80 -3.29
CA LYS D 24 -5.62 -22.11 -4.48
C LYS D 24 -5.52 -20.62 -4.21
N ILE D 25 -4.94 -19.85 -5.12
CA ILE D 25 -5.00 -18.39 -5.07
C ILE D 25 -6.46 -18.03 -5.35
N VAL D 26 -7.10 -17.31 -4.44
CA VAL D 26 -8.53 -17.01 -4.51
C VAL D 26 -8.73 -15.77 -5.37
N ALA D 27 -8.07 -14.67 -4.99
CA ALA D 27 -8.21 -13.39 -5.72
C ALA D 27 -7.12 -12.43 -5.27
N HIS D 28 -6.79 -11.44 -6.10
CA HIS D 28 -5.75 -10.45 -5.76
C HIS D 28 -5.86 -9.16 -6.55
N THR D 29 -5.50 -8.06 -5.91
CA THR D 29 -5.11 -6.84 -6.58
C THR D 29 -3.63 -6.69 -6.22
N PRO D 30 -2.96 -5.61 -6.69
CA PRO D 30 -1.57 -5.41 -6.22
C PRO D 30 -1.43 -5.22 -4.70
N ASP D 31 -2.49 -4.74 -4.03
CA ASP D 31 -2.43 -4.38 -2.62
C ASP D 31 -3.02 -5.43 -1.67
N LEU D 32 -3.64 -6.47 -2.22
CA LEU D 32 -4.46 -7.37 -1.39
C LEU D 32 -4.63 -8.72 -2.04
N MET D 33 -4.44 -9.78 -1.27
CA MET D 33 -4.53 -11.12 -1.88
C MET D 33 -5.13 -12.07 -0.89
N ALA D 34 -5.97 -13.00 -1.37
CA ALA D 34 -6.49 -14.08 -0.49
C ALA D 34 -6.08 -15.39 -1.12
N VAL D 35 -5.70 -16.34 -0.28
CA VAL D 35 -5.23 -17.65 -0.69
C VAL D 35 -5.92 -18.65 0.25
N CYS D 36 -6.46 -19.74 -0.29
CA CYS D 36 -7.10 -20.75 0.51
C CYS D 36 -6.07 -21.88 0.62
N VAL D 37 -5.69 -22.25 1.85
CA VAL D 37 -4.61 -23.24 2.04
C VAL D 37 -5.21 -24.45 2.75
N LYS D 38 -4.98 -25.65 2.20
CA LYS D 38 -5.54 -26.89 2.76
C LYS D 38 -4.40 -27.68 3.42
N PHE D 39 -4.60 -28.14 4.66
CA PHE D 39 -3.57 -28.95 5.38
C PHE D 39 -4.14 -30.34 5.70
N ASP D 40 -3.34 -31.37 5.47
CA ASP D 40 -3.55 -32.66 6.14
C ASP D 40 -3.31 -32.53 7.66
N ARG D 41 -3.90 -33.43 8.44
CA ARG D 41 -3.68 -33.48 9.88
C ARG D 41 -2.19 -33.72 10.09
N GLY D 42 -1.59 -32.96 11.02
CA GLY D 42 -0.14 -33.07 11.27
C GLY D 42 0.75 -32.24 10.35
N ALA D 43 0.19 -31.68 9.27
CA ALA D 43 0.96 -30.85 8.32
C ALA D 43 1.35 -29.53 8.96
N VAL D 44 2.51 -29.02 8.59
CA VAL D 44 3.09 -27.96 9.36
C VAL D 44 3.44 -26.79 8.46
N GLY D 45 2.99 -25.58 8.83
CA GLY D 45 3.53 -24.33 8.26
C GLY D 45 4.64 -23.85 9.18
N THR D 46 5.90 -24.08 8.80
CA THR D 46 7.04 -23.87 9.72
C THR D 46 7.16 -22.38 10.04
N PRO D 47 7.61 -22.02 11.26
CA PRO D 47 7.56 -20.62 11.65
C PRO D 47 8.42 -19.75 10.75
N HIS D 48 7.93 -18.54 10.47
CA HIS D 48 8.55 -17.65 9.49
C HIS D 48 8.00 -16.25 9.66
N GLN D 49 8.62 -15.31 8.94
CA GLN D 49 8.36 -13.88 9.03
C GLN D 49 8.28 -13.36 7.63
N HIS D 50 7.51 -12.28 7.44
CA HIS D 50 7.51 -11.59 6.17
C HIS D 50 8.07 -10.23 6.37
N GLU D 51 9.06 -9.88 5.57
CA GLU D 51 9.72 -8.58 5.75
C GLU D 51 8.79 -7.46 5.29
N ARG D 52 7.96 -7.76 4.28
CA ARG D 52 7.20 -6.72 3.56
C ARG D 52 5.69 -6.91 3.55
N HIS D 53 5.18 -8.03 4.08
CA HIS D 53 3.76 -8.36 3.97
C HIS D 53 3.13 -8.49 5.34
N ASP D 54 2.01 -7.81 5.53
CA ASP D 54 1.10 -8.13 6.63
C ASP D 54 0.32 -9.40 6.25
N GLN D 55 -0.10 -10.18 7.25
CA GLN D 55 -0.88 -11.39 7.03
C GLN D 55 -1.90 -11.57 8.13
N ILE D 56 -3.12 -11.93 7.70
CA ILE D 56 -4.15 -12.47 8.59
C ILE D 56 -4.43 -13.90 8.13
N GLY D 57 -4.62 -14.82 9.07
CA GLY D 57 -4.97 -16.19 8.74
C GLY D 57 -6.31 -16.41 9.41
N TYR D 58 -7.34 -16.68 8.60
CA TYR D 58 -8.69 -16.92 9.08
C TYR D 58 -9.06 -18.39 8.87
N VAL D 59 -9.38 -19.09 9.97
CA VAL D 59 -9.60 -20.53 9.92
C VAL D 59 -11.05 -20.81 9.47
N VAL D 60 -11.19 -21.65 8.45
CA VAL D 60 -12.53 -21.95 7.86
C VAL D 60 -12.99 -23.39 8.17
N GLN D 61 -12.04 -24.32 8.31
CA GLN D 61 -12.37 -25.72 8.54
C GLN D 61 -11.27 -26.40 9.32
N GLY D 62 -11.62 -27.40 10.15
CA GLY D 62 -10.63 -28.14 10.92
C GLY D 62 -10.13 -27.24 12.03
N ALA D 63 -8.82 -27.33 12.37
CA ALA D 63 -8.28 -26.55 13.49
C ALA D 63 -6.76 -26.50 13.39
N PHE D 64 -6.18 -25.45 13.96
CA PHE D 64 -4.73 -25.27 13.86
C PHE D 64 -4.19 -24.90 15.22
N GLU D 65 -2.98 -25.33 15.54
CA GLU D 65 -2.27 -24.70 16.64
C GLU D 65 -1.40 -23.61 16.01
N VAL D 66 -1.61 -22.37 16.43
CA VAL D 66 -0.93 -21.24 15.81
C VAL D 66 0.03 -20.58 16.82
N GLU D 67 1.28 -20.38 16.40
CA GLU D 67 2.26 -19.72 17.23
C GLU D 67 2.60 -18.38 16.62
N LEU D 68 2.46 -17.33 17.44
CA LEU D 68 2.74 -15.96 17.08
C LEU D 68 3.73 -15.39 18.12
N GLU D 69 5.02 -15.46 17.79
CA GLU D 69 6.10 -14.98 18.68
C GLU D 69 5.88 -15.25 20.17
N GLY D 70 5.79 -16.54 20.50
CA GLY D 70 5.67 -17.00 21.88
C GLY D 70 4.28 -17.01 22.50
N GLU D 71 3.24 -16.77 21.71
CA GLU D 71 1.88 -17.08 22.15
C GLU D 71 1.37 -18.23 21.26
N LYS D 72 0.97 -19.35 21.86
CA LYS D 72 0.36 -20.45 21.12
C LYS D 72 -1.13 -20.46 21.43
N ARG D 73 -1.96 -20.64 20.40
CA ARG D 73 -3.39 -20.83 20.60
C ARG D 73 -3.92 -21.83 19.63
N ARG D 74 -4.94 -22.56 20.07
CA ARG D 74 -5.69 -23.45 19.21
C ARG D 74 -6.75 -22.61 18.54
N LEU D 75 -6.78 -22.57 17.21
CA LEU D 75 -7.82 -21.80 16.49
C LEU D 75 -8.79 -22.74 15.75
N SER D 76 -10.08 -22.48 15.95
CA SER D 76 -11.17 -23.24 15.34
C SER D 76 -11.84 -22.40 14.25
N PRO D 77 -12.78 -22.99 13.44
CA PRO D 77 -13.40 -22.20 12.36
C PRO D 77 -14.00 -20.90 12.94
N GLY D 78 -13.70 -19.79 12.29
CA GLY D 78 -14.19 -18.48 12.74
C GLY D 78 -13.14 -17.74 13.58
N ASP D 79 -12.06 -18.41 13.99
CA ASP D 79 -10.97 -17.74 14.70
C ASP D 79 -9.91 -17.30 13.70
N ALA D 80 -9.02 -16.41 14.13
CA ALA D 80 -8.00 -15.88 13.24
C ALA D 80 -6.78 -15.43 14.02
N PHE D 81 -5.67 -15.22 13.31
CA PHE D 81 -4.51 -14.55 13.85
C PHE D 81 -4.12 -13.42 12.90
N VAL D 82 -3.50 -12.34 13.40
CA VAL D 82 -2.89 -11.31 12.56
C VAL D 82 -1.38 -11.23 12.83
N ALA D 83 -0.57 -11.30 11.75
CA ALA D 83 0.87 -11.14 11.78
C ALA D 83 1.30 -9.93 10.94
N PRO D 84 1.44 -8.75 11.59
CA PRO D 84 2.05 -7.62 10.86
C PRO D 84 3.41 -8.04 10.32
N HIS D 85 3.95 -7.36 9.30
CA HIS D 85 5.23 -7.80 8.75
C HIS D 85 6.30 -7.73 9.86
N HIS D 86 7.35 -8.55 9.74
CA HIS D 86 8.33 -8.76 10.85
C HIS D 86 7.70 -9.39 12.10
N THR D 87 6.66 -10.21 11.96
CA THR D 87 6.16 -11.00 13.11
C THR D 87 6.24 -12.51 12.81
N MET D 88 6.93 -13.26 13.68
CA MET D 88 7.09 -14.71 13.48
C MET D 88 5.75 -15.37 13.65
N HIS D 89 5.43 -16.31 12.77
CA HIS D 89 4.17 -17.04 12.89
C HIS D 89 4.30 -18.40 12.26
N GLY D 90 3.50 -19.36 12.74
CA GLY D 90 3.55 -20.72 12.19
C GLY D 90 2.30 -21.44 12.62
N ALA D 91 2.05 -22.60 12.02
CA ALA D 91 0.81 -23.34 12.31
C ALA D 91 1.02 -24.85 12.17
N VAL D 92 0.31 -25.62 12.99
CA VAL D 92 0.29 -27.06 12.84
C VAL D 92 -1.19 -27.40 12.70
N ALA D 93 -1.58 -28.10 11.63
CA ALA D 93 -2.97 -28.52 11.43
C ALA D 93 -3.34 -29.68 12.38
N LEU D 94 -4.45 -29.53 13.10
CA LEU D 94 -4.85 -30.52 14.08
C LEU D 94 -5.93 -31.49 13.53
N GLU D 95 -6.53 -31.17 12.38
CA GLU D 95 -7.60 -32.03 11.77
C GLU D 95 -7.35 -32.30 10.30
N PRO D 96 -7.95 -33.37 9.73
CA PRO D 96 -7.81 -33.57 8.29
C PRO D 96 -8.55 -32.47 7.50
N ASP D 97 -8.05 -32.16 6.31
CA ASP D 97 -8.59 -31.07 5.47
C ASP D 97 -8.86 -29.81 6.27
N SER D 98 -7.88 -29.38 7.07
CA SER D 98 -8.04 -28.14 7.81
C SER D 98 -7.79 -27.07 6.75
N LEU D 99 -8.60 -26.01 6.74
CA LEU D 99 -8.53 -24.95 5.71
C LEU D 99 -8.36 -23.62 6.37
N VAL D 100 -7.46 -22.81 5.85
CA VAL D 100 -7.33 -21.46 6.40
C VAL D 100 -7.23 -20.56 5.19
N ILE D 101 -7.78 -19.36 5.33
CA ILE D 101 -7.60 -18.35 4.31
C ILE D 101 -6.51 -17.38 4.75
N ASP D 102 -5.39 -17.40 4.01
CA ASP D 102 -4.32 -16.43 4.25
C ASP D 102 -4.56 -15.18 3.42
N LEU D 103 -4.56 -14.05 4.11
CA LEU D 103 -4.86 -12.75 3.51
C LEU D 103 -3.60 -11.90 3.65
N PHE D 104 -3.21 -11.22 2.57
CA PHE D 104 -1.96 -10.46 2.51
C PHE D 104 -2.14 -9.08 1.97
N SER D 105 -1.34 -8.15 2.50
CA SER D 105 -1.13 -6.87 1.89
C SER D 105 0.37 -6.55 2.01
N PRO D 106 1.02 -6.17 0.91
CA PRO D 106 0.46 -6.20 -0.45
C PRO D 106 0.30 -7.63 -0.95
N ARG D 107 0.01 -7.82 -2.23
CA ARG D 107 -0.17 -9.22 -2.65
C ARG D 107 1.19 -9.91 -2.60
N ARG D 108 1.17 -11.25 -2.58
CA ARG D 108 2.40 -12.04 -2.61
C ARG D 108 2.75 -12.39 -4.05
N ASP D 109 3.57 -11.56 -4.70
CA ASP D 109 3.92 -11.81 -6.11
C ASP D 109 4.66 -13.13 -6.30
N ASP D 110 5.43 -13.55 -5.29
CA ASP D 110 6.16 -14.83 -5.35
C ASP D 110 5.24 -16.01 -5.56
N MET D 111 3.96 -15.87 -5.22
CA MET D 111 3.01 -16.96 -5.46
C MET D 111 2.30 -16.94 -6.83
N LEU D 112 2.72 -16.06 -7.74
CA LEU D 112 1.99 -15.93 -9.00
C LEU D 112 2.65 -16.59 -10.23
N HIS E 1 -15.65 -0.49 -15.92
CA HIS E 1 -15.70 -1.95 -16.13
C HIS E 1 -14.60 -2.89 -15.67
N HIS E 2 -15.06 -3.97 -15.07
CA HIS E 2 -14.36 -4.71 -14.04
C HIS E 2 -13.42 -5.74 -14.59
N HIS E 3 -13.75 -6.24 -15.79
CA HIS E 3 -13.10 -7.38 -16.50
C HIS E 3 -13.71 -8.80 -16.28
NI NI F . 13.18 8.92 8.93
CAC FLC G . 10.32 14.43 12.43
CA FLC G . 11.09 14.21 11.11
CB FLC G . 11.44 12.78 10.66
CBC FLC G . 11.63 11.82 11.86
CG FLC G . 12.69 12.70 9.74
CGC FLC G . 12.88 11.30 9.18
OA1 FLC G . 10.62 15.44 13.10
OA2 FLC G . 9.44 13.63 12.82
OB1 FLC G . 12.74 11.70 12.42
OB2 FLC G . 10.64 11.16 12.24
OG1 FLC G . 11.91 10.48 9.31
OG2 FLC G . 14.00 10.97 8.64
OHB FLC G . 10.32 12.37 9.90
NI NI H . 1.55 10.27 -14.17
CAC FLC I . 6.24 7.35 -18.72
CA FLC I . 6.15 8.60 -17.83
CB FLC I . 4.98 8.71 -16.81
CBC FLC I . 3.71 8.11 -17.42
CG FLC I . 4.81 10.17 -16.34
CGC FLC I . 3.67 10.32 -15.36
OA1 FLC I . 6.05 7.50 -19.96
OA2 FLC I . 6.50 6.22 -18.23
OB1 FLC I . 2.86 8.85 -17.99
OB2 FLC I . 3.52 6.87 -17.36
OG1 FLC I . 3.16 9.25 -14.86
OG2 FLC I . 3.26 11.51 -15.09
OHB FLC I . 5.31 8.00 -15.60
NI NI J . -17.58 -2.57 -0.22
CAC FLC K . -20.68 -0.99 5.88
CA FLC K . -20.36 -2.32 5.21
CB FLC K . -19.46 -2.15 3.96
CBC FLC K . -19.75 -0.81 3.26
CG FLC K . -19.61 -3.34 2.99
CGC FLC K . -18.68 -3.20 1.81
OA1 FLC K . -21.82 -0.49 5.75
OA2 FLC K . -19.78 -0.41 6.54
OB1 FLC K . -20.83 -0.65 2.63
OB2 FLC K . -18.90 0.11 3.32
OG1 FLC K . -17.72 -2.34 1.89
OG2 FLC K . -18.93 -3.93 0.79
OHB FLC K . -18.10 -2.21 4.40
NI NI L . 3.18 -16.25 6.55
CAC FLC M . 4.23 -20.66 1.19
CA FLC M . 3.32 -20.48 2.38
CB FLC M . 3.21 -19.08 3.05
CBC FLC M . 4.52 -18.27 3.02
CG FLC M . 2.60 -19.39 4.42
CGC FLC M . 2.42 -18.17 5.24
OA1 FLC M . 3.73 -20.48 0.06
OA2 FLC M . 5.44 -20.98 1.34
OB1 FLC M . 4.45 -17.03 3.13
OB2 FLC M . 5.64 -18.76 2.85
OG1 FLC M . 2.86 -17.09 4.76
OG2 FLC M . 1.89 -18.30 6.38
OHB FLC M . 2.28 -18.24 2.38
NI NI N . -17.01 -4.66 -15.88
#